data_6ZSV
#
_entry.id   6ZSV
#
_cell.length_a   52.448
_cell.length_b   67.500
_cell.length_c   86.152
_cell.angle_alpha   90.000
_cell.angle_beta   95.990
_cell.angle_gamma   90.000
#
_symmetry.space_group_name_H-M   'P 1 21 1'
#
loop_
_entity.id
_entity.type
_entity.pdbx_description
1 polymer 'Uncharacterized protein'
2 non-polymer 'ZINC ION'
3 water water
#
_entity_poly.entity_id   1
_entity_poly.type   'polypeptide(L)'
_entity_poly.pdbx_seq_one_letter_code
;GAMADIGSMDVLEYFERLKNRELAFVLDDLQLSDMVTRRGFSVIPFDDFDLAREDHPPAFVLVTRLDYHGKLMQAWETAK
GISSHLSLAKFDTSPKSVEYSLDQLLSMDFAETLKRRGDYYDSVASTNRMEVVTPGAVLTCDFGNEIEIANNDVEMQKGW
LYSVAEFFETSVINLEADRSSYTLNGDLCFTGLIYLCNRPDLKERASATMDELMRMSTRGRNVVSFVDNQIVRMELGGVD
MTATLRELIVGKEREGSSTEFAMGCVEYPLAQDWTINSVMNEGSHGIHVGVGMGKEIPHMDFIAKGAELRIAESSDA
;
_entity_poly.pdbx_strand_id   A,B
#
loop_
_chem_comp.id
_chem_comp.type
_chem_comp.name
_chem_comp.formula
ZN non-polymer 'ZINC ION' 'Zn 2'
#
# COMPACT_ATOMS: atom_id res chain seq x y z
N SER A 8 -3.60 -14.90 -22.34
CA SER A 8 -3.20 -15.08 -20.92
C SER A 8 -3.09 -16.57 -20.59
N MET A 9 -1.86 -17.06 -20.62
CA MET A 9 -1.60 -18.49 -20.52
C MET A 9 -1.86 -19.01 -19.11
N ASP A 10 -2.30 -20.26 -19.05
CA ASP A 10 -2.50 -20.94 -17.78
C ASP A 10 -1.16 -21.37 -17.20
N VAL A 11 -1.05 -21.32 -15.87
CA VAL A 11 0.22 -21.64 -15.21
C VAL A 11 0.66 -23.04 -15.57
N LEU A 12 -0.26 -24.01 -15.54
CA LEU A 12 0.11 -25.38 -15.88
C LEU A 12 0.53 -25.49 -17.34
N GLU A 13 -0.08 -24.70 -18.22
CA GLU A 13 0.38 -24.65 -19.61
C GLU A 13 1.81 -24.12 -19.68
N TYR A 14 2.15 -23.18 -18.79
CA TYR A 14 3.49 -22.61 -18.83
C TYR A 14 4.54 -23.63 -18.41
N PHE A 15 4.29 -24.35 -17.31
CA PHE A 15 5.31 -25.23 -16.76
C PHE A 15 5.42 -26.55 -17.52
N GLU A 16 4.34 -27.00 -18.18
CA GLU A 16 4.48 -28.15 -19.07
C GLU A 16 5.45 -27.84 -20.19
N ARG A 17 5.43 -26.61 -20.70
CA ARG A 17 6.39 -26.21 -21.71
C ARG A 17 7.80 -26.12 -21.13
N LEU A 18 7.91 -25.68 -19.87
CA LEU A 18 9.22 -25.69 -19.21
C LEU A 18 9.75 -27.11 -19.10
N LYS A 19 8.88 -28.06 -18.73
CA LYS A 19 9.30 -29.45 -18.65
C LYS A 19 9.68 -30.01 -20.02
N ASN A 20 9.06 -29.49 -21.08
CA ASN A 20 9.29 -29.98 -22.43
C ASN A 20 10.26 -29.12 -23.22
N ARG A 21 10.95 -28.18 -22.55
CA ARG A 21 11.93 -27.33 -23.22
C ARG A 21 11.33 -26.63 -24.43
N GLU A 22 10.15 -26.03 -24.23
CA GLU A 22 9.48 -25.27 -25.27
C GLU A 22 9.34 -23.81 -24.85
N LEU A 23 10.32 -23.30 -24.12
CA LEU A 23 10.33 -21.92 -23.65
C LEU A 23 11.64 -21.24 -24.02
N ALA A 24 11.56 -19.96 -24.36
CA ALA A 24 12.76 -19.15 -24.49
C ALA A 24 13.44 -19.01 -23.13
N PHE A 25 14.66 -19.52 -23.01
CA PHE A 25 15.42 -19.44 -21.77
C PHE A 25 16.29 -18.20 -21.82
N VAL A 26 15.93 -17.19 -21.05
CA VAL A 26 16.70 -15.95 -20.98
C VAL A 26 17.70 -16.06 -19.83
N LEU A 27 18.97 -15.79 -20.13
CA LEU A 27 20.05 -15.97 -19.18
C LEU A 27 20.91 -14.71 -19.11
N ASP A 28 21.28 -14.33 -17.89
CA ASP A 28 22.03 -13.10 -17.67
C ASP A 28 23.54 -13.30 -17.58
N ASP A 29 23.99 -14.46 -17.09
CA ASP A 29 25.42 -14.78 -17.01
C ASP A 29 25.70 -15.90 -18.01
N LEU A 30 26.32 -15.56 -19.14
CA LEU A 30 26.55 -16.52 -20.20
C LEU A 30 27.58 -17.59 -19.83
N GLN A 31 28.38 -17.38 -18.78
CA GLN A 31 29.24 -18.44 -18.28
C GLN A 31 28.44 -19.61 -17.74
N LEU A 32 27.16 -19.39 -17.42
CA LEU A 32 26.26 -20.45 -17.02
C LEU A 32 25.56 -21.10 -18.21
N SER A 33 25.89 -20.70 -19.43
CA SER A 33 25.13 -21.16 -20.59
C SER A 33 25.27 -22.67 -20.78
N ASP A 34 26.49 -23.18 -20.67
CA ASP A 34 26.72 -24.59 -20.97
C ASP A 34 25.89 -25.50 -20.08
N MET A 35 25.75 -25.16 -18.80
CA MET A 35 24.97 -26.01 -17.91
C MET A 35 23.50 -25.98 -18.28
N VAL A 36 23.00 -24.86 -18.78
CA VAL A 36 21.60 -24.78 -19.20
C VAL A 36 21.38 -25.50 -20.52
N THR A 37 22.27 -25.28 -21.49
CA THR A 37 22.13 -25.96 -22.78
C THR A 37 22.37 -27.46 -22.65
N ARG A 38 23.15 -27.88 -21.64
CA ARG A 38 23.33 -29.30 -21.38
C ARG A 38 22.04 -29.94 -20.86
N ARG A 39 21.08 -29.12 -20.41
CA ARG A 39 19.79 -29.61 -19.95
C ARG A 39 18.72 -29.54 -21.03
N GLY A 40 19.08 -29.15 -22.25
CA GLY A 40 18.16 -29.20 -23.36
C GLY A 40 17.45 -27.91 -23.71
N PHE A 41 17.88 -26.78 -23.16
CA PHE A 41 17.25 -25.50 -23.44
C PHE A 41 18.06 -24.72 -24.46
N SER A 42 17.35 -23.94 -25.29
CA SER A 42 17.98 -22.98 -26.19
C SER A 42 18.07 -21.64 -25.47
N VAL A 43 19.30 -21.19 -25.21
CA VAL A 43 19.54 -20.03 -24.35
C VAL A 43 19.73 -18.78 -25.19
N ILE A 44 19.22 -17.67 -24.68
CA ILE A 44 19.39 -16.36 -25.30
C ILE A 44 19.84 -15.38 -24.23
N PRO A 45 20.87 -14.57 -24.47
CA PRO A 45 21.29 -13.59 -23.45
C PRO A 45 20.16 -12.63 -23.08
N PHE A 46 20.30 -12.07 -21.87
CA PHE A 46 19.27 -11.19 -21.34
C PHE A 46 19.09 -9.95 -22.21
N ASP A 47 20.20 -9.32 -22.59
CA ASP A 47 20.15 -8.07 -23.33
C ASP A 47 19.80 -8.25 -24.81
N ASP A 48 19.49 -9.47 -25.24
CA ASP A 48 19.08 -9.72 -26.62
C ASP A 48 17.62 -10.14 -26.74
N PHE A 49 16.94 -10.41 -25.63
CA PHE A 49 15.53 -10.80 -25.65
C PHE A 49 14.67 -9.57 -25.40
N ASP A 50 13.70 -9.34 -26.27
CA ASP A 50 12.83 -8.16 -26.17
C ASP A 50 11.61 -8.53 -25.34
N LEU A 51 11.69 -8.27 -24.04
CA LEU A 51 10.53 -8.45 -23.17
C LEU A 51 9.41 -7.49 -23.55
N ALA A 52 9.72 -6.41 -24.26
CA ALA A 52 8.72 -5.37 -24.53
C ALA A 52 7.80 -5.78 -25.68
N ARG A 53 8.32 -6.45 -26.69
CA ARG A 53 7.50 -6.82 -27.84
C ARG A 53 6.41 -7.80 -27.40
N GLU A 54 5.21 -7.64 -27.94
CA GLU A 54 4.09 -8.46 -27.46
C GLU A 54 4.08 -9.85 -28.08
N ASP A 55 4.61 -10.00 -29.29
CA ASP A 55 4.71 -11.30 -29.93
C ASP A 55 5.88 -12.14 -29.41
N HIS A 56 6.68 -11.63 -28.48
CA HIS A 56 7.85 -12.37 -28.04
C HIS A 56 7.41 -13.71 -27.48
N PRO A 57 8.17 -14.79 -27.73
CA PRO A 57 7.72 -16.13 -27.28
C PRO A 57 7.78 -16.25 -25.77
N PRO A 58 6.96 -17.14 -25.19
CA PRO A 58 6.91 -17.25 -23.73
C PRO A 58 8.27 -17.62 -23.18
N ALA A 59 8.71 -16.89 -22.15
CA ALA A 59 10.10 -16.91 -21.75
C ALA A 59 10.26 -17.27 -20.28
N PHE A 60 11.42 -17.86 -19.97
CA PHE A 60 11.83 -18.13 -18.60
C PHE A 60 13.18 -17.44 -18.39
N VAL A 61 13.22 -16.47 -17.49
CA VAL A 61 14.43 -15.69 -17.23
C VAL A 61 15.09 -16.22 -15.97
N LEU A 62 16.38 -16.50 -16.04
CA LEU A 62 17.20 -16.85 -14.88
C LEU A 62 18.11 -15.67 -14.60
N VAL A 63 17.85 -14.97 -13.50
CA VAL A 63 18.70 -13.86 -13.08
C VAL A 63 19.63 -14.35 -11.99
N THR A 64 20.94 -14.27 -12.26
CA THR A 64 21.98 -14.66 -11.33
C THR A 64 22.67 -13.48 -10.67
N ARG A 65 22.51 -12.29 -11.24
CA ARG A 65 23.24 -11.10 -10.82
C ARG A 65 22.27 -10.02 -10.38
N LEU A 66 22.65 -9.29 -9.33
CA LEU A 66 21.77 -8.27 -8.77
C LEU A 66 21.52 -7.14 -9.75
N ASP A 67 22.55 -6.76 -10.52
CA ASP A 67 22.37 -5.70 -11.50
C ASP A 67 21.35 -6.09 -12.56
N TYR A 68 21.37 -7.37 -12.99
CA TYR A 68 20.36 -7.83 -13.93
C TYR A 68 19.00 -7.99 -13.28
N HIS A 69 18.97 -8.36 -11.99
CA HIS A 69 17.71 -8.34 -11.26
C HIS A 69 17.08 -6.96 -11.30
N GLY A 70 17.89 -5.91 -11.31
CA GLY A 70 17.39 -4.56 -11.42
C GLY A 70 16.93 -4.21 -12.82
N LYS A 71 17.71 -4.64 -13.82
CA LYS A 71 17.30 -4.43 -15.20
C LYS A 71 15.93 -5.05 -15.46
N LEU A 72 15.69 -6.25 -14.93
CA LEU A 72 14.40 -6.89 -15.09
C LEU A 72 13.30 -6.08 -14.42
N MET A 73 13.55 -5.57 -13.22
CA MET A 73 12.55 -4.74 -12.54
C MET A 73 12.28 -3.46 -13.30
N GLN A 74 13.28 -2.94 -14.02
CA GLN A 74 13.05 -1.77 -14.85
C GLN A 74 12.10 -2.05 -15.99
N ALA A 75 11.90 -3.32 -16.34
CA ALA A 75 11.15 -3.71 -17.52
C ALA A 75 9.75 -4.24 -17.19
N TRP A 76 9.30 -4.08 -15.95
CA TRP A 76 8.00 -4.64 -15.57
C TRP A 76 6.86 -3.90 -16.25
N GLU A 77 6.81 -2.57 -16.10
CA GLU A 77 5.73 -1.81 -16.70
C GLU A 77 5.77 -1.85 -18.22
N THR A 78 6.94 -2.13 -18.81
CA THR A 78 7.08 -2.22 -20.25
C THR A 78 6.86 -3.63 -20.78
N ALA A 79 6.86 -4.64 -19.91
CA ALA A 79 6.69 -6.02 -20.35
C ALA A 79 5.29 -6.23 -20.94
N LYS A 80 5.23 -6.99 -22.03
CA LYS A 80 3.95 -7.17 -22.72
C LYS A 80 3.69 -8.60 -23.17
N GLY A 81 4.30 -9.58 -22.53
CA GLY A 81 4.07 -10.97 -22.89
C GLY A 81 4.06 -11.89 -21.69
N ILE A 82 4.39 -13.16 -21.92
CA ILE A 82 4.36 -14.18 -20.87
C ILE A 82 5.78 -14.44 -20.40
N SER A 83 5.99 -14.34 -19.08
CA SER A 83 7.31 -14.57 -18.51
C SER A 83 7.17 -14.77 -17.00
N SER A 84 7.84 -15.78 -16.47
CA SER A 84 8.15 -15.87 -15.04
C SER A 84 9.66 -15.60 -14.90
N HIS A 85 10.21 -15.93 -13.73
CA HIS A 85 11.66 -15.84 -13.62
C HIS A 85 12.07 -16.37 -12.26
N LEU A 86 13.14 -17.15 -12.24
CA LEU A 86 13.73 -17.64 -10.99
C LEU A 86 14.83 -16.67 -10.57
N SER A 87 14.59 -15.95 -9.48
CA SER A 87 15.49 -14.90 -9.03
C SER A 87 16.41 -15.47 -7.96
N LEU A 88 17.64 -15.80 -8.36
CA LEU A 88 18.65 -16.30 -7.44
C LEU A 88 19.69 -15.25 -7.09
N ALA A 89 19.55 -14.03 -7.62
CA ALA A 89 20.56 -12.99 -7.39
C ALA A 89 20.68 -12.65 -5.91
N LYS A 90 19.59 -12.70 -5.17
CA LYS A 90 19.59 -12.31 -3.77
C LYS A 90 19.96 -13.45 -2.83
N PHE A 91 20.16 -14.66 -3.35
CA PHE A 91 20.59 -15.79 -2.54
C PHE A 91 22.05 -16.14 -2.87
N ASP A 92 22.37 -17.42 -2.90
CA ASP A 92 23.71 -17.88 -3.30
C ASP A 92 23.74 -18.08 -4.80
N THR A 93 24.63 -17.37 -5.49
CA THR A 93 24.65 -17.33 -6.95
C THR A 93 25.80 -18.12 -7.55
N SER A 94 26.36 -19.08 -6.82
CA SER A 94 27.47 -19.87 -7.35
C SER A 94 26.94 -20.93 -8.31
N PRO A 95 27.79 -21.41 -9.21
CA PRO A 95 27.37 -22.53 -10.09
C PRO A 95 26.77 -23.69 -9.32
N LYS A 96 27.33 -24.01 -8.14
CA LYS A 96 26.76 -25.08 -7.33
C LYS A 96 25.31 -24.77 -6.99
N SER A 97 25.04 -23.55 -6.53
CA SER A 97 23.67 -23.18 -6.19
C SER A 97 22.79 -23.16 -7.43
N VAL A 98 23.30 -22.67 -8.55
CA VAL A 98 22.50 -22.55 -9.77
C VAL A 98 22.15 -23.93 -10.31
N GLU A 99 23.15 -24.81 -10.40
CA GLU A 99 22.86 -26.17 -10.85
C GLU A 99 21.83 -26.85 -9.95
N TYR A 100 21.97 -26.66 -8.63
CA TYR A 100 21.02 -27.23 -7.68
C TYR A 100 19.62 -26.66 -7.92
N SER A 101 19.51 -25.34 -8.06
CA SER A 101 18.21 -24.72 -8.23
C SER A 101 17.51 -25.22 -9.49
N LEU A 102 18.24 -25.32 -10.59
CA LEU A 102 17.63 -25.75 -11.85
C LEU A 102 17.29 -27.23 -11.81
N ASP A 103 18.18 -28.06 -11.26
CA ASP A 103 17.86 -29.47 -11.11
C ASP A 103 16.60 -29.67 -10.28
N GLN A 104 16.45 -28.89 -9.21
CA GLN A 104 15.26 -29.01 -8.37
C GLN A 104 14.01 -28.59 -9.13
N LEU A 105 14.07 -27.47 -9.82
CA LEU A 105 12.89 -26.96 -10.54
C LEU A 105 12.46 -27.93 -11.63
N LEU A 106 13.41 -28.44 -12.40
CA LEU A 106 13.09 -29.23 -13.58
C LEU A 106 12.73 -30.67 -13.26
N SER A 107 12.78 -31.08 -12.00
CA SER A 107 12.47 -32.46 -11.63
C SER A 107 11.12 -32.62 -10.95
N MET A 108 10.47 -31.53 -10.55
CA MET A 108 9.31 -31.62 -9.68
C MET A 108 8.01 -31.67 -10.48
N ASP A 109 6.94 -32.00 -9.76
CA ASP A 109 5.60 -32.14 -10.32
C ASP A 109 4.85 -30.84 -10.12
N PHE A 110 4.65 -30.09 -11.21
CA PHE A 110 4.10 -28.74 -11.09
C PHE A 110 2.62 -28.77 -10.79
N ALA A 111 1.83 -29.52 -11.58
CA ALA A 111 0.40 -29.57 -11.34
C ALA A 111 0.09 -30.04 -9.91
N GLU A 112 0.85 -31.02 -9.42
CA GLU A 112 0.70 -31.45 -8.03
C GLU A 112 1.00 -30.31 -7.07
N THR A 113 1.98 -29.47 -7.41
CA THR A 113 2.34 -28.37 -6.53
C THR A 113 1.28 -27.26 -6.55
N LEU A 114 0.75 -26.96 -7.73
CA LEU A 114 -0.17 -25.83 -7.84
C LEU A 114 -1.50 -26.09 -7.15
N LYS A 115 -1.90 -27.36 -7.02
CA LYS A 115 -3.18 -27.65 -6.36
C LYS A 115 -3.05 -27.52 -4.85
N ARG A 116 -1.98 -28.07 -4.25
CA ARG A 116 -1.70 -27.82 -2.85
C ARG A 116 -1.70 -26.32 -2.57
N ARG A 117 -1.00 -25.56 -3.42
CA ARG A 117 -1.00 -24.11 -3.32
C ARG A 117 -2.43 -23.57 -3.35
N GLY A 118 -3.21 -24.00 -4.34
CA GLY A 118 -4.60 -23.58 -4.39
C GLY A 118 -5.38 -23.97 -3.15
N ASP A 119 -5.17 -25.20 -2.67
CA ASP A 119 -5.88 -25.66 -1.49
C ASP A 119 -5.46 -24.86 -0.25
N TYR A 120 -4.18 -24.51 -0.14
CA TYR A 120 -3.72 -23.78 1.03
C TYR A 120 -4.34 -22.39 1.10
N TYR A 121 -4.48 -21.72 -0.05
CA TYR A 121 -5.23 -20.46 -0.07
C TYR A 121 -6.68 -20.67 0.28
N ASP A 122 -7.26 -21.82 -0.10
CA ASP A 122 -8.60 -22.18 0.36
C ASP A 122 -8.64 -22.43 1.86
N SER A 123 -7.50 -22.44 2.54
CA SER A 123 -7.43 -22.64 3.98
C SER A 123 -7.18 -21.34 4.73
N VAL A 124 -6.33 -20.46 4.20
CA VAL A 124 -6.05 -19.20 4.87
C VAL A 124 -7.27 -18.31 4.86
N ALA A 125 -7.99 -18.24 3.74
CA ALA A 125 -9.12 -17.34 3.63
C ALA A 125 -10.22 -17.70 4.61
N SER A 126 -10.45 -19.00 4.84
CA SER A 126 -11.59 -19.42 5.64
C SER A 126 -11.30 -19.36 7.13
N THR A 127 -10.09 -19.72 7.54
CA THR A 127 -9.80 -19.94 8.96
C THR A 127 -9.20 -18.70 9.61
N ASN A 128 -9.41 -18.61 10.92
CA ASN A 128 -8.84 -17.56 11.75
C ASN A 128 -7.64 -18.05 12.57
N ARG A 129 -7.39 -19.35 12.59
CA ARG A 129 -6.36 -19.95 13.42
C ARG A 129 -5.72 -21.12 12.70
N MET A 130 -4.39 -21.22 12.83
CA MET A 130 -3.65 -22.36 12.32
C MET A 130 -2.65 -22.83 13.37
N GLU A 131 -2.55 -24.14 13.53
CA GLU A 131 -1.61 -24.76 14.46
C GLU A 131 -0.61 -25.59 13.66
N VAL A 132 0.68 -25.32 13.88
CA VAL A 132 1.75 -26.02 13.19
C VAL A 132 2.42 -26.93 14.21
N VAL A 133 2.31 -28.23 14.00
CA VAL A 133 2.85 -29.22 14.93
C VAL A 133 4.13 -29.80 14.33
N THR A 134 5.24 -29.63 15.06
CA THR A 134 6.54 -30.20 14.72
C THR A 134 6.95 -31.10 15.89
N PRO A 135 8.00 -31.91 15.75
CA PRO A 135 8.23 -32.98 16.73
C PRO A 135 8.07 -32.60 18.19
N GLY A 136 8.66 -31.49 18.61
CA GLY A 136 8.58 -31.10 20.00
C GLY A 136 8.08 -29.68 20.20
N ALA A 137 7.24 -29.22 19.29
CA ALA A 137 6.79 -27.83 19.33
C ALA A 137 5.42 -27.71 18.67
N VAL A 138 4.72 -26.64 19.03
CA VAL A 138 3.45 -26.27 18.42
C VAL A 138 3.46 -24.76 18.22
N LEU A 139 3.08 -24.32 17.02
CA LEU A 139 3.03 -22.90 16.69
C LEU A 139 1.62 -22.53 16.27
N THR A 140 1.16 -21.38 16.74
CA THR A 140 -0.16 -20.87 16.39
C THR A 140 -0.01 -19.63 15.52
N CYS A 141 -0.96 -19.46 14.60
CA CYS A 141 -1.00 -18.31 13.70
C CYS A 141 -2.43 -17.77 13.68
N ASP A 142 -2.60 -16.55 14.15
CA ASP A 142 -3.89 -15.88 14.15
C ASP A 142 -3.93 -14.90 12.99
N PHE A 143 -4.65 -15.24 11.94
CA PHE A 143 -4.81 -14.34 10.80
C PHE A 143 -5.74 -13.20 11.18
N GLY A 144 -5.38 -11.99 10.77
CA GLY A 144 -6.27 -10.85 10.93
C GLY A 144 -7.44 -10.94 9.97
N ASN A 145 -8.29 -9.92 10.02
CA ASN A 145 -9.42 -9.85 9.11
C ASN A 145 -9.01 -9.33 7.73
N GLU A 146 -7.86 -8.69 7.62
CA GLU A 146 -7.31 -8.24 6.35
C GLU A 146 -5.89 -8.78 6.24
N ILE A 147 -5.70 -9.77 5.37
CA ILE A 147 -4.40 -10.41 5.18
C ILE A 147 -3.83 -9.99 3.84
N GLU A 148 -2.52 -9.75 3.81
CA GLU A 148 -1.80 -9.50 2.57
C GLU A 148 -1.18 -10.82 2.11
N ILE A 149 -1.31 -11.11 0.81
CA ILE A 149 -0.82 -12.36 0.27
C ILE A 149 0.01 -12.11 -0.98
N ALA A 150 0.83 -13.10 -1.33
CA ALA A 150 1.59 -13.08 -2.56
C ALA A 150 0.68 -13.41 -3.74
N ASN A 151 1.00 -12.82 -4.90
CA ASN A 151 0.21 -13.02 -6.10
C ASN A 151 -0.26 -14.46 -6.22
N ASN A 152 -1.56 -14.65 -6.44
CA ASN A 152 -2.15 -15.98 -6.50
C ASN A 152 -2.79 -16.28 -7.84
N ASP A 153 -2.34 -15.62 -8.91
CA ASP A 153 -2.89 -15.88 -10.23
C ASP A 153 -2.60 -17.32 -10.64
N VAL A 154 -3.62 -17.99 -11.17
CA VAL A 154 -3.45 -19.32 -11.74
C VAL A 154 -3.37 -19.29 -13.26
N GLU A 155 -3.95 -18.27 -13.90
CA GLU A 155 -3.73 -18.01 -15.32
C GLU A 155 -2.81 -16.80 -15.43
N MET A 156 -1.66 -16.98 -16.08
CA MET A 156 -0.63 -15.96 -16.10
C MET A 156 -1.03 -14.80 -17.00
N GLN A 157 -0.98 -13.59 -16.44
CA GLN A 157 -1.44 -12.41 -17.16
C GLN A 157 -0.34 -11.89 -18.09
N LYS A 158 -0.76 -11.06 -19.04
CA LYS A 158 0.17 -10.44 -19.99
C LYS A 158 0.90 -9.28 -19.32
N GLY A 159 2.21 -9.24 -19.50
CA GLY A 159 3.02 -8.15 -18.98
C GLY A 159 3.36 -8.25 -17.52
N TRP A 160 2.86 -9.24 -16.80
CA TRP A 160 3.18 -9.41 -15.39
C TRP A 160 4.39 -10.33 -15.25
N LEU A 161 5.43 -9.83 -14.57
CA LEU A 161 6.65 -10.60 -14.39
C LEU A 161 6.49 -11.48 -13.16
N TYR A 162 6.08 -12.73 -13.37
CA TYR A 162 5.87 -13.65 -12.27
C TYR A 162 7.19 -14.16 -11.73
N SER A 163 7.37 -14.09 -10.42
CA SER A 163 8.44 -14.82 -9.76
C SER A 163 8.00 -16.27 -9.64
N VAL A 164 8.81 -17.20 -10.16
CA VAL A 164 8.41 -18.60 -10.11
C VAL A 164 8.14 -19.02 -8.67
N ALA A 165 9.00 -18.60 -7.74
CA ALA A 165 8.87 -19.03 -6.35
C ALA A 165 7.44 -18.88 -5.84
N GLU A 166 6.78 -17.78 -6.20
CA GLU A 166 5.41 -17.57 -5.76
C GLU A 166 4.45 -18.62 -6.31
N PHE A 167 4.89 -19.44 -7.26
CA PHE A 167 4.10 -20.58 -7.70
C PHE A 167 4.30 -21.81 -6.83
N PHE A 168 5.29 -21.80 -5.94
CA PHE A 168 5.65 -22.95 -5.15
C PHE A 168 5.19 -22.87 -3.70
N GLU A 169 4.45 -21.82 -3.35
CA GLU A 169 4.10 -21.61 -1.95
C GLU A 169 2.84 -20.76 -1.83
N THR A 170 2.15 -20.92 -0.71
CA THR A 170 1.08 -20.03 -0.28
C THR A 170 1.64 -19.16 0.84
N SER A 171 1.72 -17.85 0.60
CA SER A 171 2.51 -16.96 1.44
C SER A 171 1.66 -15.78 1.91
N VAL A 172 1.54 -15.65 3.22
CA VAL A 172 0.93 -14.49 3.87
C VAL A 172 2.05 -13.68 4.49
N ILE A 173 1.94 -12.36 4.42
CA ILE A 173 3.03 -11.49 4.85
C ILE A 173 2.48 -10.27 5.59
N ASN A 174 3.28 -9.79 6.56
CA ASN A 174 2.97 -8.58 7.31
C ASN A 174 3.77 -7.43 6.69
N LEU A 175 3.23 -6.85 5.63
CA LEU A 175 3.95 -5.84 4.88
C LEU A 175 3.66 -4.43 5.37
N GLU A 176 2.38 -4.06 5.47
CA GLU A 176 2.04 -2.70 5.87
C GLU A 176 2.52 -2.39 7.28
N ALA A 177 2.37 -3.36 8.20
CA ALA A 177 2.76 -3.13 9.58
C ALA A 177 3.21 -4.46 10.20
N ASP A 178 3.70 -4.37 11.43
CA ASP A 178 4.22 -5.54 12.13
C ASP A 178 3.25 -6.72 12.04
N ARG A 179 2.02 -6.51 12.51
CA ARG A 179 1.02 -7.57 12.46
C ARG A 179 -0.21 -7.12 11.69
N SER A 180 -0.01 -6.72 10.43
CA SER A 180 -1.14 -6.31 9.59
C SER A 180 -1.94 -7.51 9.10
N SER A 181 -1.38 -8.72 9.16
CA SER A 181 -2.06 -9.89 8.62
C SER A 181 -2.18 -11.03 9.62
N TYR A 182 -1.16 -11.27 10.43
CA TYR A 182 -1.14 -12.46 11.28
C TYR A 182 -0.22 -12.21 12.46
N THR A 183 -0.40 -13.00 13.51
CA THR A 183 0.48 -12.99 14.67
C THR A 183 0.89 -14.42 15.01
N LEU A 184 2.12 -14.57 15.51
CA LEU A 184 2.68 -15.88 15.80
C LEU A 184 3.00 -15.96 17.29
N ASN A 185 2.55 -17.04 17.92
CA ASN A 185 2.88 -17.35 19.30
C ASN A 185 3.16 -18.83 19.40
N GLY A 186 4.36 -19.19 19.82
CA GLY A 186 4.72 -20.58 20.00
C GLY A 186 6.02 -20.91 19.31
N ASP A 187 6.30 -22.21 19.24
CA ASP A 187 7.59 -22.71 18.80
C ASP A 187 7.45 -23.46 17.47
N LEU A 188 8.52 -23.42 16.68
CA LEU A 188 8.58 -24.13 15.41
C LEU A 188 9.91 -24.86 15.31
N CYS A 189 9.86 -26.19 15.26
CA CYS A 189 11.03 -27.01 14.99
C CYS A 189 11.12 -27.23 13.49
N PHE A 190 12.22 -26.77 12.88
CA PHE A 190 12.35 -26.72 11.44
C PHE A 190 13.56 -27.49 10.94
N THR A 191 13.61 -27.68 9.63
CA THR A 191 14.63 -28.51 9.00
C THR A 191 15.90 -27.71 8.70
N GLY A 192 15.77 -26.67 7.88
CA GLY A 192 16.89 -25.82 7.54
C GLY A 192 16.46 -24.38 7.39
N LEU A 193 17.29 -23.54 6.75
CA LEU A 193 16.91 -22.16 6.53
C LEU A 193 17.58 -21.64 5.27
N ILE A 194 16.98 -20.61 4.69
CA ILE A 194 17.60 -19.80 3.66
C ILE A 194 17.50 -18.35 4.10
N TYR A 195 18.21 -17.48 3.40
CA TYR A 195 18.22 -16.06 3.75
C TYR A 195 18.42 -15.24 2.48
N LEU A 196 17.73 -14.11 2.42
CA LEU A 196 17.61 -13.29 1.22
C LEU A 196 18.06 -11.88 1.54
N CYS A 197 18.92 -11.33 0.70
CA CYS A 197 19.43 -9.98 0.84
C CYS A 197 19.17 -9.21 -0.45
N ASN A 198 18.52 -8.07 -0.33
CA ASN A 198 18.17 -7.25 -1.49
C ASN A 198 19.31 -6.35 -1.94
N ARG A 199 20.35 -6.19 -1.14
CA ARG A 199 21.41 -5.24 -1.42
C ARG A 199 22.77 -5.90 -1.29
N PRO A 200 23.78 -5.42 -2.04
CA PRO A 200 25.13 -5.96 -1.87
C PRO A 200 25.74 -5.56 -0.54
N ASP A 201 25.34 -4.40 0.01
CA ASP A 201 25.82 -4.00 1.32
C ASP A 201 25.48 -5.03 2.38
N LEU A 202 24.21 -5.43 2.44
CA LEU A 202 23.78 -6.38 3.46
C LEU A 202 24.40 -7.75 3.24
N LYS A 203 24.46 -8.21 1.99
CA LYS A 203 24.99 -9.55 1.70
C LYS A 203 26.44 -9.67 2.15
N GLU A 204 27.22 -8.59 2.03
CA GLU A 204 28.62 -8.62 2.48
C GLU A 204 28.71 -8.80 3.98
N ARG A 205 27.81 -8.16 4.73
CA ARG A 205 27.89 -8.19 6.19
C ARG A 205 27.46 -9.55 6.73
N ALA A 206 26.31 -10.05 6.27
CA ALA A 206 25.62 -11.12 6.97
C ALA A 206 25.85 -12.51 6.38
N SER A 207 26.27 -12.60 5.12
CA SER A 207 26.31 -13.90 4.46
C SER A 207 27.17 -14.89 5.23
N ALA A 208 28.37 -14.49 5.62
CA ALA A 208 29.26 -15.37 6.37
C ALA A 208 28.56 -15.91 7.61
N THR A 209 27.95 -15.02 8.39
CA THR A 209 27.24 -15.45 9.60
C THR A 209 26.09 -16.37 9.25
N MET A 210 25.28 -15.99 8.27
CA MET A 210 24.10 -16.79 7.93
C MET A 210 24.49 -18.19 7.47
N ASP A 211 25.61 -18.31 6.74
CA ASP A 211 26.06 -19.62 6.32
C ASP A 211 26.48 -20.47 7.51
N GLU A 212 27.09 -19.85 8.52
CA GLU A 212 27.33 -20.55 9.79
C GLU A 212 26.03 -21.13 10.33
N LEU A 213 24.98 -20.31 10.38
CA LEU A 213 23.70 -20.77 10.92
C LEU A 213 23.15 -21.92 10.08
N MET A 214 23.31 -21.85 8.76
CA MET A 214 22.80 -22.92 7.91
C MET A 214 23.50 -24.23 8.18
N ARG A 215 24.83 -24.20 8.30
CA ARG A 215 25.58 -25.43 8.57
C ARG A 215 25.23 -25.98 9.94
N MET A 216 25.02 -25.10 10.93
CA MET A 216 24.59 -25.56 12.24
C MET A 216 23.28 -26.32 12.15
N SER A 217 22.39 -25.91 11.23
CA SER A 217 21.08 -26.53 11.13
C SER A 217 21.17 -28.02 10.82
N THR A 218 22.30 -28.49 10.28
CA THR A 218 22.45 -29.91 10.01
C THR A 218 22.89 -30.70 11.24
N ARG A 219 23.28 -30.03 12.33
CA ARG A 219 23.93 -30.71 13.44
C ARG A 219 22.99 -31.06 14.59
N GLY A 220 21.68 -30.96 14.37
CA GLY A 220 20.74 -31.39 15.39
C GLY A 220 19.55 -30.46 15.46
N ARG A 221 18.90 -30.48 16.63
CA ARG A 221 17.62 -29.82 16.82
C ARG A 221 17.65 -28.35 16.44
N ASN A 222 16.69 -27.96 15.60
CA ASN A 222 16.49 -26.56 15.24
C ASN A 222 15.11 -26.14 15.73
N VAL A 223 15.04 -25.02 16.44
CA VAL A 223 13.79 -24.53 17.01
C VAL A 223 13.84 -23.01 17.06
N VAL A 224 12.77 -22.37 16.59
CA VAL A 224 12.58 -20.94 16.71
C VAL A 224 11.31 -20.69 17.50
N SER A 225 11.34 -19.70 18.38
CA SER A 225 10.24 -19.40 19.29
C SER A 225 9.76 -17.97 19.09
N PHE A 226 8.44 -17.80 19.09
CA PHE A 226 7.81 -16.50 18.89
C PHE A 226 6.91 -16.18 20.06
N VAL A 227 6.98 -14.93 20.52
CA VAL A 227 6.06 -14.39 21.52
C VAL A 227 5.51 -13.08 20.98
N ASP A 228 4.20 -13.01 20.77
CA ASP A 228 3.57 -11.81 20.21
C ASP A 228 4.14 -11.49 18.84
N ASN A 229 4.35 -12.53 18.03
CA ASN A 229 4.86 -12.42 16.67
C ASN A 229 6.30 -11.91 16.63
N GLN A 230 7.00 -11.97 17.77
CA GLN A 230 8.39 -11.54 17.86
C GLN A 230 9.26 -12.75 18.16
N ILE A 231 10.29 -12.96 17.35
CA ILE A 231 11.21 -14.07 17.58
C ILE A 231 12.02 -13.81 18.84
N VAL A 232 11.98 -14.76 19.77
CA VAL A 232 12.64 -14.59 21.06
C VAL A 232 13.71 -15.65 21.33
N ARG A 233 13.88 -16.63 20.44
CA ARG A 233 14.88 -17.67 20.64
C ARG A 233 15.11 -18.38 19.32
N MET A 234 16.36 -18.76 19.06
CA MET A 234 16.73 -19.46 17.84
C MET A 234 17.76 -20.52 18.20
N GLU A 235 17.33 -21.79 18.19
CA GLU A 235 18.21 -22.92 18.45
C GLU A 235 18.57 -23.57 17.12
N LEU A 236 19.87 -23.83 16.92
CA LEU A 236 20.35 -24.50 15.72
C LEU A 236 21.38 -25.55 16.13
N GLY A 237 21.25 -26.75 15.58
CA GLY A 237 22.16 -27.82 15.92
C GLY A 237 22.15 -28.19 17.39
N GLY A 238 21.01 -27.98 18.06
CA GLY A 238 20.93 -28.24 19.48
C GLY A 238 21.59 -27.20 20.35
N VAL A 239 21.92 -26.04 19.80
CA VAL A 239 22.59 -24.97 20.54
C VAL A 239 21.80 -23.68 20.39
N ASP A 240 21.71 -22.92 21.48
CA ASP A 240 20.99 -21.65 21.48
C ASP A 240 21.86 -20.57 20.87
N MET A 241 21.39 -20.00 19.74
CA MET A 241 22.10 -18.94 19.05
C MET A 241 21.39 -17.60 19.18
N THR A 242 20.54 -17.43 20.18
CA THR A 242 19.77 -16.19 20.29
C THR A 242 20.67 -14.96 20.34
N ALA A 243 21.86 -15.09 20.93
CA ALA A 243 22.78 -13.96 20.97
C ALA A 243 23.16 -13.51 19.57
N THR A 244 23.47 -14.46 18.69
CA THR A 244 23.80 -14.12 17.31
C THR A 244 22.57 -13.58 16.57
N LEU A 245 21.37 -14.04 16.93
CA LEU A 245 20.17 -13.53 16.31
C LEU A 245 19.94 -12.06 16.67
N ARG A 246 20.12 -11.71 17.95
CA ARG A 246 19.89 -10.34 18.38
C ARG A 246 20.88 -9.38 17.73
N GLU A 247 22.14 -9.79 17.60
CA GLU A 247 23.13 -8.91 16.98
C GLU A 247 22.74 -8.53 15.56
N LEU A 248 22.05 -9.41 14.84
CA LEU A 248 21.72 -9.17 13.45
C LEU A 248 20.32 -8.62 13.23
N ILE A 249 19.50 -8.51 14.28
CA ILE A 249 18.19 -7.90 14.13
C ILE A 249 18.00 -6.69 15.04
N VAL A 250 18.71 -6.59 16.16
CA VAL A 250 18.43 -5.54 17.13
C VAL A 250 18.74 -4.17 16.53
N GLY A 251 17.86 -3.20 16.80
CA GLY A 251 18.05 -1.86 16.29
C GLY A 251 17.94 -1.72 14.80
N LYS A 252 17.32 -2.67 14.12
CA LYS A 252 17.22 -2.65 12.66
C LYS A 252 15.83 -3.11 12.24
N GLU A 253 15.27 -2.42 11.23
CA GLU A 253 13.97 -2.72 10.64
C GLU A 253 12.96 -2.91 11.77
N ARG A 254 12.13 -3.96 11.73
CA ARG A 254 11.20 -4.29 12.80
C ARG A 254 11.75 -5.37 13.73
N GLU A 255 13.08 -5.57 13.70
CA GLU A 255 13.77 -6.46 14.63
C GLU A 255 13.17 -7.84 14.54
N GLY A 256 12.60 -8.39 15.60
CA GLY A 256 12.14 -9.76 15.61
C GLY A 256 10.79 -10.02 15.01
N SER A 257 10.11 -8.99 14.52
CA SER A 257 8.79 -9.18 13.94
C SER A 257 8.84 -10.20 12.81
N SER A 258 7.96 -11.19 12.89
CA SER A 258 7.81 -12.13 11.78
C SER A 258 7.25 -11.38 10.58
N THR A 259 7.89 -11.55 9.42
CA THR A 259 7.49 -10.85 8.21
C THR A 259 6.77 -11.74 7.21
N GLU A 260 6.86 -13.07 7.36
CA GLU A 260 6.21 -13.97 6.41
C GLU A 260 5.76 -15.22 7.13
N PHE A 261 4.53 -15.64 6.87
CA PHE A 261 4.04 -16.97 7.20
C PHE A 261 3.55 -17.63 5.93
N ALA A 262 4.19 -18.72 5.52
CA ALA A 262 3.92 -19.33 4.24
C ALA A 262 3.96 -20.84 4.34
N MET A 263 3.38 -21.49 3.34
CA MET A 263 3.26 -22.94 3.29
C MET A 263 3.82 -23.43 1.95
N GLY A 264 4.88 -24.23 2.02
CA GLY A 264 5.44 -24.79 0.80
C GLY A 264 4.57 -25.91 0.26
N CYS A 265 4.64 -26.09 -1.07
CA CYS A 265 3.73 -27.00 -1.74
C CYS A 265 4.44 -27.97 -2.68
N VAL A 266 5.73 -28.19 -2.48
CA VAL A 266 6.54 -28.95 -3.42
C VAL A 266 7.05 -30.22 -2.75
N GLU A 267 6.72 -31.37 -3.35
CA GLU A 267 7.33 -32.64 -2.99
C GLU A 267 8.53 -32.84 -3.90
N TYR A 268 9.68 -32.37 -3.46
CA TYR A 268 10.90 -32.48 -4.28
C TYR A 268 11.32 -33.93 -4.42
N PRO A 269 11.39 -34.49 -5.63
CA PRO A 269 11.83 -35.89 -5.75
C PRO A 269 13.32 -36.09 -5.50
N LEU A 270 14.14 -35.05 -5.69
CA LEU A 270 15.58 -35.17 -5.51
C LEU A 270 15.99 -34.65 -4.14
N ALA A 271 17.12 -35.15 -3.64
CA ALA A 271 17.55 -34.84 -2.28
C ALA A 271 17.80 -33.34 -2.13
N GLN A 272 17.25 -32.76 -1.07
CA GLN A 272 17.51 -31.37 -0.74
C GLN A 272 18.89 -31.24 -0.10
N ASP A 273 19.50 -30.08 -0.28
CA ASP A 273 20.80 -29.76 0.31
C ASP A 273 20.63 -28.47 1.11
N TRP A 274 20.62 -28.58 2.43
CA TRP A 274 20.33 -27.46 3.30
C TRP A 274 21.54 -26.60 3.63
N THR A 275 22.69 -26.89 3.01
CA THR A 275 23.82 -25.97 3.04
C THR A 275 23.80 -24.99 1.88
N ILE A 276 22.90 -25.19 0.91
CA ILE A 276 22.80 -24.35 -0.27
C ILE A 276 21.70 -23.32 -0.04
N ASN A 277 22.07 -22.05 -0.04
CA ASN A 277 21.08 -20.96 0.07
C ASN A 277 20.45 -20.74 -1.30
N SER A 278 19.47 -21.57 -1.62
CA SER A 278 18.71 -21.46 -2.86
C SER A 278 17.23 -21.29 -2.52
N VAL A 279 16.56 -20.41 -3.27
CA VAL A 279 15.17 -20.10 -3.00
C VAL A 279 14.30 -21.35 -3.17
N MET A 280 14.75 -22.31 -3.98
CA MET A 280 13.98 -23.53 -4.19
C MET A 280 13.59 -24.20 -2.87
N ASN A 281 14.44 -24.09 -1.84
CA ASN A 281 14.16 -24.76 -0.57
C ASN A 281 12.98 -24.12 0.16
N GLU A 282 12.66 -22.86 -0.12
CA GLU A 282 11.52 -22.22 0.53
C GLU A 282 10.22 -22.93 0.17
N GLY A 283 10.14 -23.48 -1.04
CA GLY A 283 8.97 -24.22 -1.46
C GLY A 283 8.85 -25.62 -0.89
N SER A 284 9.81 -26.02 -0.05
CA SER A 284 9.76 -27.34 0.58
C SER A 284 8.39 -27.58 1.20
N HIS A 285 7.80 -28.73 0.87
CA HIS A 285 6.48 -29.06 1.41
C HIS A 285 6.49 -28.95 2.92
N GLY A 286 5.58 -28.13 3.45
CA GLY A 286 5.52 -27.89 4.88
C GLY A 286 5.29 -26.44 5.20
N ILE A 287 5.90 -25.95 6.28
CA ILE A 287 5.73 -24.59 6.75
C ILE A 287 7.11 -23.93 6.88
N HIS A 288 7.14 -22.62 6.65
CA HIS A 288 8.33 -21.82 6.93
C HIS A 288 7.88 -20.44 7.40
N VAL A 289 8.67 -19.88 8.31
CA VAL A 289 8.40 -18.58 8.90
C VAL A 289 9.47 -17.60 8.49
N GLY A 290 9.08 -16.36 8.31
CA GLY A 290 10.01 -15.35 7.90
C GLY A 290 10.29 -14.24 8.88
N VAL A 291 11.57 -13.90 9.03
CA VAL A 291 12.01 -12.80 9.89
C VAL A 291 12.95 -11.94 9.06
N GLY A 292 12.77 -10.63 9.14
CA GLY A 292 13.60 -9.70 8.38
C GLY A 292 12.99 -9.36 7.03
N MET A 293 13.47 -8.24 6.47
CA MET A 293 12.99 -7.76 5.18
C MET A 293 14.07 -7.76 4.12
N GLY A 294 15.25 -8.30 4.42
CA GLY A 294 16.33 -8.32 3.45
C GLY A 294 16.93 -6.98 3.14
N LYS A 295 16.75 -6.00 4.03
CA LYS A 295 17.23 -4.64 3.84
C LYS A 295 18.39 -4.31 4.76
N GLU A 296 18.16 -4.34 6.07
CA GLU A 296 19.23 -4.35 7.06
C GLU A 296 19.31 -5.67 7.80
N ILE A 297 18.32 -6.54 7.64
CA ILE A 297 18.32 -7.88 8.22
C ILE A 297 18.08 -8.84 7.05
N PRO A 298 18.86 -9.90 6.87
CA PRO A 298 18.52 -10.88 5.84
C PRO A 298 17.18 -11.52 6.14
N HIS A 299 16.33 -11.62 5.13
CA HIS A 299 15.03 -12.27 5.32
C HIS A 299 15.27 -13.76 5.54
N MET A 300 15.27 -14.17 6.80
CA MET A 300 15.45 -15.58 7.14
C MET A 300 14.16 -16.35 6.93
N ASP A 301 14.29 -17.60 6.48
CA ASP A 301 13.15 -18.51 6.34
C ASP A 301 13.49 -19.82 7.04
N PHE A 302 12.91 -20.03 8.22
CA PHE A 302 13.08 -21.27 8.97
C PHE A 302 12.03 -22.26 8.47
N ILE A 303 12.49 -23.26 7.73
CA ILE A 303 11.62 -24.12 6.91
C ILE A 303 11.44 -25.45 7.61
N ALA A 304 10.20 -25.80 7.94
CA ALA A 304 9.85 -27.08 8.54
C ALA A 304 9.12 -27.91 7.48
N LYS A 305 9.68 -29.08 7.15
CA LYS A 305 9.22 -29.83 5.99
C LYS A 305 7.99 -30.67 6.31
N GLY A 306 8.17 -31.74 7.07
CA GLY A 306 7.07 -32.65 7.32
C GLY A 306 6.00 -32.14 8.28
N ALA A 307 5.92 -30.82 8.44
CA ALA A 307 5.03 -30.24 9.44
C ALA A 307 3.57 -30.39 9.02
N GLU A 308 2.73 -30.72 9.99
CA GLU A 308 1.30 -30.88 9.77
C GLU A 308 0.54 -29.65 10.27
N LEU A 309 -0.55 -29.33 9.58
CA LEU A 309 -1.36 -28.16 9.90
C LEU A 309 -2.65 -28.58 10.58
N ARG A 310 -3.15 -27.69 11.45
CA ARG A 310 -4.40 -27.90 12.17
C ARG A 310 -5.19 -26.60 12.15
N ILE A 311 -6.51 -26.73 12.04
CA ILE A 311 -7.39 -25.57 11.93
C ILE A 311 -8.17 -25.38 13.22
N ALA B 2 -30.80 13.99 -20.20
CA ALA B 2 -30.94 14.40 -21.61
C ALA B 2 -31.34 15.87 -21.71
N MET B 3 -32.50 16.23 -21.15
CA MET B 3 -32.85 17.65 -21.03
C MET B 3 -31.87 18.36 -20.08
N ALA B 4 -31.76 17.88 -18.85
CA ALA B 4 -30.66 18.24 -17.96
C ALA B 4 -29.42 17.51 -18.44
N ASP B 5 -28.50 18.25 -19.07
CA ASP B 5 -27.42 17.72 -19.89
C ASP B 5 -27.11 18.87 -20.86
N ILE B 6 -28.18 19.57 -21.26
CA ILE B 6 -28.08 20.80 -22.05
C ILE B 6 -27.31 21.86 -21.29
N GLY B 7 -27.44 21.89 -19.97
CA GLY B 7 -26.73 22.87 -19.18
C GLY B 7 -25.92 22.30 -18.04
N SER B 8 -25.77 20.98 -18.00
CA SER B 8 -25.06 20.35 -16.91
C SER B 8 -24.55 18.99 -17.35
N MET B 9 -23.87 18.30 -16.42
CA MET B 9 -23.37 16.95 -16.66
C MET B 9 -23.44 16.19 -15.34
N ASP B 10 -24.04 15.01 -15.36
CA ASP B 10 -24.09 14.19 -14.16
C ASP B 10 -22.69 14.00 -13.60
N VAL B 11 -22.53 14.25 -12.30
CA VAL B 11 -21.24 14.02 -11.67
C VAL B 11 -20.78 12.59 -11.92
N LEU B 12 -21.72 11.64 -11.88
CA LEU B 12 -21.39 10.26 -12.21
C LEU B 12 -20.96 10.13 -13.68
N GLU B 13 -21.63 10.86 -14.57
CA GLU B 13 -21.17 10.93 -15.96
C GLU B 13 -19.76 11.48 -16.03
N TYR B 14 -19.49 12.56 -15.29
CA TYR B 14 -18.17 13.18 -15.35
C TYR B 14 -17.08 12.22 -14.91
N PHE B 15 -17.31 11.47 -13.83
CA PHE B 15 -16.24 10.67 -13.25
C PHE B 15 -16.01 9.37 -14.01
N GLU B 16 -17.04 8.81 -14.65
CA GLU B 16 -16.80 7.66 -15.51
C GLU B 16 -15.92 8.04 -16.70
N ARG B 17 -15.98 9.30 -17.12
CA ARG B 17 -15.07 9.78 -18.16
C ARG B 17 -13.65 9.88 -17.64
N LEU B 18 -13.48 10.21 -16.36
CA LEU B 18 -12.15 10.20 -15.77
C LEU B 18 -11.59 8.79 -15.70
N LYS B 19 -12.43 7.82 -15.31
CA LYS B 19 -11.99 6.44 -15.23
C LYS B 19 -11.70 5.86 -16.60
N ASN B 20 -12.29 6.40 -17.67
CA ASN B 20 -12.07 5.93 -19.02
C ASN B 20 -11.09 6.80 -19.79
N ARG B 21 -10.41 7.72 -19.12
CA ARG B 21 -9.44 8.61 -19.77
C ARG B 21 -10.07 9.32 -20.96
N GLU B 22 -11.20 9.97 -20.71
CA GLU B 22 -11.91 10.74 -21.72
C GLU B 22 -12.11 12.18 -21.29
N LEU B 23 -11.20 12.69 -20.46
CA LEU B 23 -11.26 14.06 -19.99
C LEU B 23 -9.97 14.79 -20.33
N ALA B 24 -10.07 16.10 -20.50
CA ALA B 24 -8.89 16.94 -20.71
C ALA B 24 -8.18 17.15 -19.38
N PHE B 25 -6.93 16.72 -19.30
CA PHE B 25 -6.15 16.81 -18.07
C PHE B 25 -5.30 18.07 -18.14
N VAL B 26 -5.73 19.11 -17.43
CA VAL B 26 -5.02 20.38 -17.39
C VAL B 26 -3.99 20.32 -16.26
N LEU B 27 -2.76 20.69 -16.56
CA LEU B 27 -1.64 20.58 -15.63
C LEU B 27 -0.90 21.90 -15.54
N ASP B 28 -0.51 22.27 -14.32
CA ASP B 28 0.16 23.54 -14.08
C ASP B 28 1.67 23.40 -13.86
N ASP B 29 2.15 22.19 -13.58
CA ASP B 29 3.59 21.95 -13.45
C ASP B 29 3.94 20.79 -14.37
N LEU B 30 4.61 21.10 -15.49
CA LEU B 30 4.90 20.08 -16.49
C LEU B 30 5.94 19.07 -16.04
N GLN B 31 6.60 19.30 -14.90
CA GLN B 31 7.47 18.27 -14.34
C GLN B 31 6.69 17.01 -14.01
N LEU B 32 5.40 17.15 -13.67
CA LEU B 32 4.55 16.02 -13.38
C LEU B 32 3.94 15.38 -14.63
N SER B 33 4.24 15.92 -15.81
CA SER B 33 3.58 15.46 -17.03
C SER B 33 3.72 13.95 -17.20
N ASP B 34 4.96 13.45 -17.18
CA ASP B 34 5.18 12.03 -17.35
C ASP B 34 4.33 11.20 -16.39
N MET B 35 4.15 11.69 -15.16
CA MET B 35 3.35 10.98 -14.18
C MET B 35 1.91 10.84 -14.65
N VAL B 36 1.37 11.88 -15.28
CA VAL B 36 -0.02 11.85 -15.73
C VAL B 36 -0.16 11.02 -17.00
N THR B 37 0.60 11.37 -18.04
CA THR B 37 0.50 10.65 -19.30
C THR B 37 0.83 9.17 -19.12
N ARG B 38 1.69 8.83 -18.16
CA ARG B 38 1.95 7.44 -17.82
C ARG B 38 0.68 6.71 -17.40
N ARG B 39 -0.32 7.44 -16.93
CA ARG B 39 -1.60 6.85 -16.53
C ARG B 39 -2.65 6.93 -17.64
N GLY B 40 -2.25 7.30 -18.85
CA GLY B 40 -3.15 7.25 -19.98
C GLY B 40 -3.98 8.49 -20.23
N PHE B 41 -3.54 9.65 -19.74
CA PHE B 41 -4.27 10.89 -19.91
C PHE B 41 -3.56 11.79 -20.90
N SER B 42 -4.35 12.55 -21.67
CA SER B 42 -3.81 13.57 -22.58
C SER B 42 -3.63 14.85 -21.78
N VAL B 43 -2.38 15.24 -21.54
CA VAL B 43 -2.07 16.40 -20.73
C VAL B 43 -2.01 17.64 -21.63
N ILE B 44 -2.49 18.76 -21.10
CA ILE B 44 -2.36 20.06 -21.76
C ILE B 44 -1.95 21.08 -20.70
N PRO B 45 -0.95 21.90 -20.94
CA PRO B 45 -0.53 22.87 -19.91
C PRO B 45 -1.65 23.84 -19.56
N PHE B 46 -1.55 24.41 -18.36
CA PHE B 46 -2.60 25.27 -17.84
C PHE B 46 -2.80 26.50 -18.72
N ASP B 47 -1.71 27.14 -19.12
CA ASP B 47 -1.80 28.38 -19.89
C ASP B 47 -2.11 28.15 -21.36
N ASP B 48 -2.48 26.94 -21.76
CA ASP B 48 -2.84 26.64 -23.13
C ASP B 48 -4.28 26.17 -23.30
N PHE B 49 -4.96 25.81 -22.21
CA PHE B 49 -6.35 25.39 -22.24
C PHE B 49 -7.22 26.60 -21.93
N ASP B 50 -8.16 26.91 -22.83
CA ASP B 50 -9.03 28.07 -22.65
C ASP B 50 -10.29 27.62 -21.93
N LEU B 51 -10.38 27.92 -20.64
CA LEU B 51 -11.59 27.63 -19.88
C LEU B 51 -12.75 28.55 -20.25
N ALA B 52 -12.48 29.65 -20.96
CA ALA B 52 -13.54 30.59 -21.30
C ALA B 52 -14.42 30.11 -22.44
N ARG B 53 -13.95 29.18 -23.25
CA ARG B 53 -14.72 28.72 -24.38
C ARG B 53 -15.86 27.83 -23.92
N GLU B 54 -17.06 28.12 -24.42
CA GLU B 54 -18.19 27.23 -24.17
C GLU B 54 -17.96 25.87 -24.81
N ASP B 55 -17.14 25.83 -25.86
CA ASP B 55 -16.90 24.60 -26.60
C ASP B 55 -15.81 23.73 -25.98
N HIS B 56 -14.98 24.28 -25.08
CA HIS B 56 -13.83 23.52 -24.58
C HIS B 56 -14.31 22.19 -24.01
N PRO B 57 -13.58 21.11 -24.23
CA PRO B 57 -14.05 19.79 -23.78
C PRO B 57 -13.99 19.66 -22.26
N PRO B 58 -14.69 18.68 -21.69
CA PRO B 58 -14.70 18.53 -20.23
C PRO B 58 -13.31 18.24 -19.70
N ALA B 59 -12.89 19.00 -18.70
CA ALA B 59 -11.51 19.02 -18.24
C ALA B 59 -11.39 18.66 -16.77
N PHE B 60 -10.21 18.17 -16.42
CA PHE B 60 -9.81 17.93 -15.03
C PHE B 60 -8.51 18.67 -14.79
N VAL B 61 -8.54 19.66 -13.90
CA VAL B 61 -7.40 20.52 -13.64
C VAL B 61 -6.69 20.04 -12.39
N LEU B 62 -5.37 19.89 -12.48
CA LEU B 62 -4.53 19.55 -11.34
C LEU B 62 -3.62 20.74 -11.04
N VAL B 63 -3.90 21.42 -9.94
CA VAL B 63 -3.11 22.59 -9.53
C VAL B 63 -2.22 22.17 -8.36
N THR B 64 -0.92 22.31 -8.56
CA THR B 64 0.08 21.94 -7.55
C THR B 64 0.84 23.14 -7.01
N ARG B 65 0.58 24.33 -7.52
CA ARG B 65 1.29 25.54 -7.11
C ARG B 65 0.26 26.58 -6.68
N LEU B 66 0.49 27.19 -5.51
CA LEU B 66 -0.48 28.15 -4.99
C LEU B 66 -0.71 29.30 -5.97
N ASP B 67 0.35 29.77 -6.63
CA ASP B 67 0.18 30.85 -7.59
C ASP B 67 -0.78 30.45 -8.71
N TYR B 68 -0.68 29.20 -9.18
CA TYR B 68 -1.62 28.74 -10.21
C TYR B 68 -2.99 28.49 -9.63
N HIS B 69 -3.08 28.07 -8.36
CA HIS B 69 -4.37 28.00 -7.70
C HIS B 69 -5.03 29.38 -7.66
N GLY B 70 -4.24 30.44 -7.64
CA GLY B 70 -4.75 31.80 -7.68
C GLY B 70 -5.21 32.19 -9.07
N LYS B 71 -4.44 31.78 -10.10
CA LYS B 71 -4.87 32.03 -11.46
C LYS B 71 -6.16 31.31 -11.78
N LEU B 72 -6.40 30.16 -11.15
CA LEU B 72 -7.64 29.42 -11.40
C LEU B 72 -8.83 30.15 -10.79
N MET B 73 -8.66 30.73 -9.59
CA MET B 73 -9.77 31.43 -8.95
C MET B 73 -10.14 32.69 -9.72
N GLN B 74 -9.15 33.42 -10.24
CA GLN B 74 -9.45 34.60 -11.04
C GLN B 74 -10.08 34.24 -12.39
N ALA B 75 -10.00 32.98 -12.80
CA ALA B 75 -10.62 32.52 -14.04
C ALA B 75 -12.02 31.98 -13.83
N TRP B 76 -12.53 32.00 -12.60
CA TRP B 76 -13.82 31.39 -12.29
C TRP B 76 -14.95 32.11 -13.01
N GLU B 77 -14.99 33.44 -12.93
CA GLU B 77 -16.09 34.19 -13.50
C GLU B 77 -16.22 33.92 -15.00
N THR B 78 -15.13 33.57 -15.66
CA THR B 78 -15.11 33.40 -17.11
C THR B 78 -15.33 31.95 -17.54
N ALA B 79 -15.31 31.00 -16.62
CA ALA B 79 -15.47 29.60 -17.00
C ALA B 79 -16.84 29.39 -17.64
N LYS B 80 -16.87 28.59 -18.71
CA LYS B 80 -18.09 28.35 -19.46
C LYS B 80 -18.38 26.89 -19.75
N GLY B 81 -17.54 25.95 -19.30
CA GLY B 81 -17.76 24.56 -19.61
C GLY B 81 -17.74 23.69 -18.37
N ILE B 82 -17.63 22.37 -18.56
CA ILE B 82 -17.58 21.43 -17.45
C ILE B 82 -16.14 21.25 -17.00
N SER B 83 -15.87 21.50 -15.72
CA SER B 83 -14.53 21.33 -15.19
C SER B 83 -14.60 21.04 -13.69
N SER B 84 -13.77 20.09 -13.24
CA SER B 84 -13.45 19.92 -11.84
C SER B 84 -11.95 20.09 -11.69
N HIS B 85 -11.50 20.31 -10.46
CA HIS B 85 -10.09 20.52 -10.20
C HIS B 85 -9.72 19.95 -8.84
N LEU B 86 -8.59 19.26 -8.80
CA LEU B 86 -8.02 18.74 -7.57
C LEU B 86 -6.98 19.74 -7.06
N SER B 87 -7.30 20.42 -5.98
CA SER B 87 -6.45 21.49 -5.45
C SER B 87 -5.51 20.90 -4.41
N LEU B 88 -4.38 20.38 -4.88
CA LEU B 88 -3.35 19.85 -4.00
C LEU B 88 -2.27 20.88 -3.67
N ALA B 89 -2.37 22.09 -4.22
CA ALA B 89 -1.39 23.12 -3.90
C ALA B 89 -1.41 23.47 -2.42
N LYS B 90 -2.56 23.33 -1.76
CA LYS B 90 -2.71 23.72 -0.37
C LYS B 90 -2.14 22.69 0.62
N PHE B 91 -1.65 21.55 0.12
CA PHE B 91 -1.15 20.48 0.97
C PHE B 91 0.31 20.22 0.65
N ASP B 92 0.72 18.95 0.62
CA ASP B 92 2.06 18.58 0.22
C ASP B 92 2.06 18.29 -1.28
N THR B 93 2.90 19.02 -2.03
CA THR B 93 2.89 18.98 -3.48
C THR B 93 4.11 18.28 -4.07
N SER B 94 4.70 17.37 -3.33
CA SER B 94 5.81 16.59 -3.85
C SER B 94 5.29 15.50 -4.78
N PRO B 95 6.11 15.05 -5.73
CA PRO B 95 5.66 13.95 -6.60
C PRO B 95 5.07 12.77 -5.85
N LYS B 96 5.69 12.41 -4.72
CA LYS B 96 5.12 11.35 -3.87
C LYS B 96 3.67 11.66 -3.51
N SER B 97 3.41 12.89 -3.08
CA SER B 97 2.05 13.27 -2.71
C SER B 97 1.15 13.31 -3.93
N VAL B 98 1.67 13.78 -5.08
CA VAL B 98 0.87 13.80 -6.30
C VAL B 98 0.59 12.39 -6.78
N GLU B 99 1.59 11.50 -6.74
CA GLU B 99 1.36 10.12 -7.15
C GLU B 99 0.31 9.45 -6.26
N TYR B 100 0.47 9.58 -4.94
CA TYR B 100 -0.49 9.00 -4.01
C TYR B 100 -1.90 9.51 -4.29
N SER B 101 -2.04 10.83 -4.48
CA SER B 101 -3.36 11.41 -4.66
C SER B 101 -4.02 10.93 -5.95
N LEU B 102 -3.26 10.83 -7.04
CA LEU B 102 -3.84 10.37 -8.30
C LEU B 102 -4.18 8.88 -8.24
N ASP B 103 -3.31 8.08 -7.61
CA ASP B 103 -3.62 6.66 -7.45
C ASP B 103 -4.89 6.47 -6.62
N GLN B 104 -5.02 7.21 -5.53
CA GLN B 104 -6.22 7.10 -4.70
C GLN B 104 -7.46 7.53 -5.46
N LEU B 105 -7.35 8.58 -6.27
CA LEU B 105 -8.52 9.11 -6.96
C LEU B 105 -8.95 8.20 -8.11
N LEU B 106 -8.01 7.67 -8.88
CA LEU B 106 -8.34 6.88 -10.04
C LEU B 106 -8.76 5.46 -9.70
N SER B 107 -8.68 5.06 -8.44
CA SER B 107 -8.97 3.68 -8.04
C SER B 107 -10.27 3.54 -7.28
N MET B 108 -10.94 4.64 -6.95
CA MET B 108 -12.11 4.57 -6.09
C MET B 108 -13.40 4.46 -6.91
N ASP B 109 -14.48 4.08 -6.22
CA ASP B 109 -15.79 3.88 -6.81
C ASP B 109 -16.58 5.17 -6.63
N PHE B 110 -16.70 5.95 -7.70
CA PHE B 110 -17.33 7.26 -7.60
C PHE B 110 -18.83 7.14 -7.38
N ALA B 111 -19.49 6.20 -8.07
CA ALA B 111 -20.93 6.03 -7.88
C ALA B 111 -21.25 5.64 -6.45
N GLU B 112 -20.45 4.74 -5.86
CA GLU B 112 -20.66 4.35 -4.48
C GLU B 112 -20.42 5.53 -3.52
N THR B 113 -19.51 6.42 -3.88
CA THR B 113 -19.16 7.52 -2.98
C THR B 113 -20.23 8.62 -2.98
N LEU B 114 -20.85 8.89 -4.13
CA LEU B 114 -21.79 9.99 -4.21
C LEU B 114 -23.11 9.66 -3.50
N LYS B 115 -23.49 8.39 -3.44
CA LYS B 115 -24.71 8.02 -2.73
C LYS B 115 -24.60 8.38 -1.25
N ARG B 116 -23.53 7.91 -0.59
CA ARG B 116 -23.29 8.29 0.79
C ARG B 116 -23.33 9.81 0.95
N ARG B 117 -22.56 10.52 0.11
CA ARG B 117 -22.61 11.97 0.10
C ARG B 117 -24.03 12.48 0.09
N GLY B 118 -24.86 11.95 -0.80
CA GLY B 118 -26.26 12.33 -0.83
C GLY B 118 -26.99 11.93 0.44
N ASP B 119 -26.78 10.69 0.88
CA ASP B 119 -27.47 10.22 2.08
C ASP B 119 -27.06 11.01 3.31
N TYR B 120 -25.77 11.33 3.42
CA TYR B 120 -25.31 12.11 4.57
C TYR B 120 -26.00 13.47 4.62
N TYR B 121 -26.14 14.13 3.46
CA TYR B 121 -26.89 15.38 3.42
C TYR B 121 -28.35 15.14 3.78
N ASP B 122 -28.89 13.96 3.46
CA ASP B 122 -30.22 13.59 3.92
C ASP B 122 -30.27 13.37 5.43
N SER B 123 -29.13 13.36 6.11
CA SER B 123 -29.07 13.26 7.56
C SER B 123 -28.89 14.61 8.24
N VAL B 124 -28.00 15.45 7.71
CA VAL B 124 -27.76 16.75 8.34
C VAL B 124 -29.01 17.61 8.30
N ALA B 125 -29.72 17.61 7.17
CA ALA B 125 -30.86 18.52 7.00
C ALA B 125 -32.00 18.15 7.95
N SER B 126 -32.23 16.86 8.15
CA SER B 126 -33.36 16.42 8.97
C SER B 126 -33.06 16.41 10.45
N THR B 127 -31.84 16.03 10.83
CA THR B 127 -31.51 15.79 12.23
C THR B 127 -31.02 17.06 12.90
N ASN B 128 -31.12 17.07 14.23
CA ASN B 128 -30.70 18.19 15.05
C ASN B 128 -29.48 17.88 15.91
N ARG B 129 -29.11 16.60 16.02
CA ARG B 129 -27.97 16.20 16.85
C ARG B 129 -27.39 14.91 16.31
N MET B 130 -26.07 14.86 16.25
CA MET B 130 -25.35 13.69 15.78
C MET B 130 -24.37 13.23 16.86
N GLU B 131 -24.22 11.92 17.00
CA GLU B 131 -23.27 11.32 17.92
C GLU B 131 -22.26 10.50 17.13
N VAL B 132 -20.98 10.80 17.29
CA VAL B 132 -19.89 10.09 16.63
C VAL B 132 -19.21 9.24 17.69
N VAL B 133 -19.26 7.92 17.52
CA VAL B 133 -18.66 6.99 18.47
C VAL B 133 -17.41 6.38 17.84
N THR B 134 -16.26 6.66 18.44
CA THR B 134 -14.98 6.08 18.07
C THR B 134 -14.44 5.34 19.28
N PRO B 135 -13.38 4.54 19.15
CA PRO B 135 -12.92 3.74 20.29
C PRO B 135 -12.72 4.54 21.57
N GLY B 136 -13.49 4.18 22.60
CA GLY B 136 -13.35 4.83 23.89
C GLY B 136 -13.71 6.30 23.88
N ALA B 137 -14.56 6.73 22.96
CA ALA B 137 -14.91 8.14 22.87
C ALA B 137 -16.26 8.28 22.19
N VAL B 138 -16.94 9.38 22.52
CA VAL B 138 -18.21 9.75 21.90
C VAL B 138 -18.19 11.26 21.69
N LEU B 139 -18.54 11.70 20.49
CA LEU B 139 -18.55 13.10 20.14
C LEU B 139 -19.95 13.52 19.76
N THR B 140 -20.37 14.69 20.23
CA THR B 140 -21.70 15.22 19.97
C THR B 140 -21.60 16.46 19.10
N CYS B 141 -22.53 16.56 18.14
CA CYS B 141 -22.63 17.71 17.25
C CYS B 141 -24.08 18.15 17.23
N ASP B 142 -24.34 19.39 17.64
CA ASP B 142 -25.67 20.00 17.61
C ASP B 142 -25.70 21.03 16.49
N PHE B 143 -26.61 20.84 15.54
CA PHE B 143 -26.74 21.74 14.40
C PHE B 143 -27.72 22.85 14.70
N GLY B 144 -27.35 24.07 14.33
CA GLY B 144 -28.21 25.23 14.50
C GLY B 144 -29.35 25.23 13.50
N ASN B 145 -30.08 26.36 13.49
CA ASN B 145 -31.19 26.52 12.57
C ASN B 145 -30.72 26.82 11.16
N GLU B 146 -29.55 27.46 11.02
CA GLU B 146 -29.01 27.83 9.72
C GLU B 146 -27.58 27.29 9.62
N ILE B 147 -27.40 26.25 8.82
CA ILE B 147 -26.09 25.62 8.64
C ILE B 147 -25.53 26.02 7.27
N GLU B 148 -24.24 26.34 7.24
CA GLU B 148 -23.54 26.64 6.00
C GLU B 148 -22.98 25.36 5.41
N ILE B 149 -23.12 25.21 4.10
CA ILE B 149 -22.97 23.93 3.42
C ILE B 149 -21.99 24.05 2.26
N ALA B 150 -21.18 23.02 2.07
CA ALA B 150 -20.33 22.91 0.91
C ALA B 150 -21.14 22.42 -0.28
N ASN B 151 -20.80 22.91 -1.47
CA ASN B 151 -21.57 22.64 -2.68
C ASN B 151 -21.99 21.17 -2.75
N ASN B 152 -23.28 20.95 -3.03
CA ASN B 152 -23.85 19.61 -3.07
C ASN B 152 -24.47 19.28 -4.41
N ASP B 153 -24.00 19.91 -5.49
CA ASP B 153 -24.56 19.66 -6.81
C ASP B 153 -24.27 18.22 -7.23
N VAL B 154 -25.30 17.56 -7.79
CA VAL B 154 -25.14 16.22 -8.32
C VAL B 154 -25.01 16.23 -9.85
N GLU B 155 -25.51 17.26 -10.52
CA GLU B 155 -25.22 17.51 -11.92
C GLU B 155 -24.30 18.74 -11.99
N MET B 156 -23.18 18.59 -12.69
CA MET B 156 -22.15 19.64 -12.69
C MET B 156 -22.58 20.79 -13.59
N GLN B 157 -22.67 21.98 -13.01
CA GLN B 157 -23.13 23.15 -13.73
C GLN B 157 -22.03 23.70 -14.62
N LYS B 158 -22.41 24.18 -15.80
CA LYS B 158 -21.47 24.84 -16.70
C LYS B 158 -20.99 26.14 -16.07
N GLY B 159 -19.67 26.36 -16.10
CA GLY B 159 -19.10 27.59 -15.57
C GLY B 159 -18.77 27.57 -14.09
N TRP B 160 -19.05 26.48 -13.39
CA TRP B 160 -18.71 26.35 -11.98
C TRP B 160 -17.46 25.48 -11.84
N LEU B 161 -16.48 25.97 -11.08
CA LEU B 161 -15.22 25.25 -10.89
C LEU B 161 -15.35 24.36 -9.67
N TYR B 162 -15.73 23.11 -9.90
CA TYR B 162 -15.93 22.15 -8.82
C TYR B 162 -14.58 21.66 -8.30
N SER B 163 -14.43 21.67 -6.98
CA SER B 163 -13.31 20.99 -6.33
C SER B 163 -13.71 19.54 -6.10
N VAL B 164 -12.91 18.60 -6.62
CA VAL B 164 -13.28 17.19 -6.54
C VAL B 164 -13.46 16.75 -5.10
N ALA B 165 -12.75 17.39 -4.16
CA ALA B 165 -12.83 16.98 -2.76
C ALA B 165 -14.25 17.10 -2.25
N GLU B 166 -14.97 18.16 -2.66
CA GLU B 166 -16.35 18.32 -2.22
C GLU B 166 -17.23 17.17 -2.70
N PHE B 167 -16.81 16.44 -3.74
CA PHE B 167 -17.56 15.28 -4.19
C PHE B 167 -17.33 14.06 -3.31
N PHE B 168 -16.40 14.12 -2.36
CA PHE B 168 -16.00 12.96 -1.57
C PHE B 168 -16.40 13.07 -0.10
N GLU B 169 -17.17 14.10 0.25
CA GLU B 169 -17.54 14.27 1.65
C GLU B 169 -18.79 15.15 1.75
N THR B 170 -19.49 14.99 2.86
CA THR B 170 -20.58 15.88 3.27
C THR B 170 -20.02 16.78 4.36
N SER B 171 -19.90 18.07 4.08
CA SER B 171 -19.16 18.99 4.93
C SER B 171 -20.05 20.14 5.39
N VAL B 172 -20.20 20.28 6.71
CA VAL B 172 -20.81 21.44 7.32
C VAL B 172 -19.70 22.27 7.96
N ILE B 173 -19.86 23.60 7.96
CA ILE B 173 -18.79 24.48 8.39
C ILE B 173 -19.34 25.67 9.16
N ASN B 174 -18.53 26.17 10.09
CA ASN B 174 -18.84 27.38 10.84
C ASN B 174 -18.07 28.54 10.21
N LEU B 175 -18.62 29.06 9.12
CA LEU B 175 -17.96 30.09 8.34
C LEU B 175 -18.40 31.49 8.75
N GLU B 176 -19.70 31.72 8.90
CA GLU B 176 -20.18 33.04 9.28
C GLU B 176 -19.65 33.44 10.65
N ALA B 177 -19.70 32.53 11.61
CA ALA B 177 -19.25 32.82 12.96
C ALA B 177 -18.74 31.54 13.60
N ASP B 178 -18.38 31.64 14.89
CA ASP B 178 -17.76 30.52 15.60
C ASP B 178 -18.63 29.27 15.55
N ARG B 179 -19.93 29.43 15.75
CA ARG B 179 -20.83 28.29 15.79
C ARG B 179 -22.10 28.60 15.00
N SER B 180 -21.92 29.13 13.80
CA SER B 180 -23.07 29.50 12.98
C SER B 180 -23.87 28.29 12.55
N SER B 181 -23.24 27.13 12.46
CA SER B 181 -23.91 25.93 11.98
C SER B 181 -23.98 24.82 13.01
N TYR B 182 -22.92 24.62 13.81
CA TYR B 182 -22.86 23.50 14.72
C TYR B 182 -21.95 23.84 15.90
N THR B 183 -22.22 23.18 17.03
CA THR B 183 -21.34 23.21 18.19
C THR B 183 -20.92 21.78 18.50
N LEU B 184 -19.69 21.63 18.99
CA LEU B 184 -19.13 20.32 19.29
C LEU B 184 -18.81 20.23 20.78
N ASN B 185 -19.13 19.07 21.36
CA ASN B 185 -18.82 18.79 22.76
C ASN B 185 -18.54 17.30 22.87
N GLY B 186 -17.31 16.94 23.20
CA GLY B 186 -16.95 15.56 23.38
C GLY B 186 -15.59 15.28 22.76
N ASP B 187 -15.28 13.99 22.68
CA ASP B 187 -13.98 13.53 22.22
C ASP B 187 -14.13 12.73 20.94
N LEU B 188 -13.08 12.74 20.12
CA LEU B 188 -13.05 12.02 18.86
C LEU B 188 -11.73 11.29 18.75
N CYS B 189 -11.78 9.97 18.78
CA CYS B 189 -10.61 9.12 18.50
C CYS B 189 -10.52 8.92 17.00
N PHE B 190 -9.42 9.38 16.40
CA PHE B 190 -9.29 9.45 14.96
C PHE B 190 -8.06 8.69 14.48
N THR B 191 -8.02 8.47 13.17
CA THR B 191 -6.98 7.65 12.55
C THR B 191 -5.73 8.47 12.24
N GLY B 192 -5.88 9.52 11.43
CA GLY B 192 -4.78 10.39 11.09
C GLY B 192 -5.24 11.81 10.90
N LEU B 193 -4.43 12.64 10.24
CA LEU B 193 -4.82 14.02 10.01
C LEU B 193 -4.13 14.56 8.78
N ILE B 194 -4.72 15.60 8.21
CA ILE B 194 -4.09 16.43 7.19
C ILE B 194 -4.22 17.89 7.63
N TYR B 195 -3.49 18.77 6.95
CA TYR B 195 -3.55 20.19 7.26
C TYR B 195 -3.44 20.97 5.97
N LEU B 196 -4.13 22.12 5.94
CA LEU B 196 -4.30 22.91 4.73
C LEU B 196 -3.91 24.35 4.99
N CYS B 197 -3.14 24.92 4.06
CA CYS B 197 -2.69 26.31 4.15
C CYS B 197 -3.09 27.04 2.88
N ASN B 198 -3.71 28.20 3.04
CA ASN B 198 -4.12 29.01 1.90
C ASN B 198 -3.05 29.99 1.45
N ARG B 199 -1.94 30.08 2.17
CA ARG B 199 -0.91 31.06 1.89
C ARG B 199 0.47 30.43 1.96
N PRO B 200 1.43 30.93 1.18
CA PRO B 200 2.80 30.41 1.32
C PRO B 200 3.45 30.76 2.65
N ASP B 201 3.15 31.95 3.21
CA ASP B 201 3.78 32.35 4.46
C ASP B 201 3.43 31.40 5.59
N LEU B 202 2.16 31.02 5.70
CA LEU B 202 1.76 30.08 6.74
C LEU B 202 2.37 28.71 6.52
N LYS B 203 2.45 28.27 5.26
CA LYS B 203 2.99 26.95 4.97
C LYS B 203 4.45 26.85 5.36
N GLU B 204 5.22 27.92 5.16
CA GLU B 204 6.63 27.91 5.53
C GLU B 204 6.81 27.79 7.04
N ARG B 205 5.96 28.46 7.82
CA ARG B 205 6.14 28.50 9.26
C ARG B 205 5.63 27.24 9.94
N ALA B 206 4.46 26.75 9.54
CA ALA B 206 3.77 25.70 10.28
C ALA B 206 3.98 24.31 9.71
N SER B 207 4.45 24.18 8.47
CA SER B 207 4.53 22.87 7.84
C SER B 207 5.40 21.91 8.64
N ALA B 208 6.59 22.37 9.05
CA ALA B 208 7.51 21.50 9.80
C ALA B 208 6.83 20.94 11.04
N THR B 209 6.20 21.81 11.83
CA THR B 209 5.50 21.34 13.03
C THR B 209 4.38 20.38 12.67
N MET B 210 3.59 20.71 11.65
CA MET B 210 2.43 19.89 11.32
C MET B 210 2.83 18.50 10.86
N ASP B 211 3.97 18.37 10.19
CA ASP B 211 4.42 17.04 9.76
C ASP B 211 4.81 16.19 10.96
N GLU B 212 5.38 16.81 11.99
CA GLU B 212 5.65 16.08 13.23
C GLU B 212 4.38 15.45 13.79
N LEU B 213 3.28 16.21 13.80
CA LEU B 213 2.04 15.69 14.38
C LEU B 213 1.47 14.55 13.53
N MET B 214 1.62 14.64 12.21
CA MET B 214 1.13 13.56 11.36
C MET B 214 1.85 12.25 11.63
N ARG B 215 3.17 12.33 11.84
CA ARG B 215 3.94 11.12 12.11
C ARG B 215 3.65 10.59 13.52
N MET B 216 3.47 11.49 14.49
CA MET B 216 3.07 11.05 15.81
C MET B 216 1.77 10.26 15.76
N SER B 217 0.84 10.66 14.89
CA SER B 217 -0.47 10.02 14.82
C SER B 217 -0.39 8.57 14.40
N THR B 218 0.72 8.15 13.79
CA THR B 218 0.88 6.76 13.36
C THR B 218 1.27 5.83 14.50
N ARG B 219 1.67 6.37 15.65
CA ARG B 219 2.26 5.56 16.71
C ARG B 219 1.18 4.88 17.55
N GLY B 220 0.73 5.53 18.61
CA GLY B 220 -0.30 4.96 19.45
C GLY B 220 -1.68 5.49 19.17
N ARG B 221 -2.29 6.12 20.18
CA ARG B 221 -3.68 6.53 20.16
C ARG B 221 -3.80 8.03 19.97
N ASN B 222 -4.80 8.45 19.19
CA ASN B 222 -5.03 9.85 18.89
C ASN B 222 -6.45 10.23 19.27
N VAL B 223 -6.57 11.32 20.01
CA VAL B 223 -7.87 11.78 20.50
C VAL B 223 -7.85 13.30 20.60
N VAL B 224 -8.90 13.94 20.10
CA VAL B 224 -9.08 15.38 20.25
C VAL B 224 -10.38 15.62 21.01
N SER B 225 -10.35 16.60 21.91
CA SER B 225 -11.47 16.88 22.80
C SER B 225 -11.97 18.29 22.58
N PHE B 226 -13.29 18.44 22.57
CA PHE B 226 -13.94 19.73 22.39
C PHE B 226 -14.86 20.03 23.56
N VAL B 227 -14.81 21.28 24.02
CA VAL B 227 -15.75 21.81 25.00
C VAL B 227 -16.33 23.08 24.43
N ASP B 228 -17.64 23.10 24.17
CA ASP B 228 -18.32 24.28 23.66
C ASP B 228 -17.77 24.68 22.30
N ASN B 229 -17.55 23.68 21.45
CA ASN B 229 -17.00 23.82 20.10
C ASN B 229 -15.55 24.28 20.09
N GLN B 230 -14.88 24.24 21.24
CA GLN B 230 -13.50 24.68 21.35
C GLN B 230 -12.62 23.46 21.64
N ILE B 231 -11.62 23.24 20.79
CA ILE B 231 -10.65 22.18 21.04
C ILE B 231 -9.84 22.54 22.28
N VAL B 232 -9.69 21.56 23.18
CA VAL B 232 -9.04 21.82 24.47
C VAL B 232 -7.98 20.78 24.78
N ARG B 233 -7.88 19.76 23.93
CA ARG B 233 -6.90 18.71 24.13
C ARG B 233 -6.68 17.96 22.83
N MET B 234 -5.43 17.65 22.53
CA MET B 234 -5.06 16.92 21.32
C MET B 234 -4.01 15.89 21.69
N GLU B 235 -4.41 14.62 21.70
CA GLU B 235 -3.50 13.51 21.96
C GLU B 235 -3.13 12.87 20.63
N LEU B 236 -1.84 12.66 20.41
CA LEU B 236 -1.33 12.04 19.19
C LEU B 236 -0.31 10.98 19.57
N GLY B 237 -0.43 9.80 18.97
CA GLY B 237 0.49 8.72 19.28
C GLY B 237 0.53 8.37 20.75
N GLY B 238 -0.57 8.55 21.46
CA GLY B 238 -0.62 8.27 22.88
C GLY B 238 0.00 9.33 23.76
N VAL B 239 0.32 10.50 23.21
CA VAL B 239 0.96 11.57 23.96
C VAL B 239 0.11 12.83 23.86
N ASP B 240 -0.01 13.54 24.98
CA ASP B 240 -0.73 14.80 25.01
C ASP B 240 0.12 15.88 24.34
N MET B 241 -0.36 16.43 23.23
CA MET B 241 0.34 17.48 22.51
C MET B 241 -0.42 18.81 22.56
N THR B 242 -1.18 19.03 23.63
CA THR B 242 -2.00 20.23 23.71
C THR B 242 -1.14 21.49 23.77
N ALA B 243 0.05 21.40 24.35
CA ALA B 243 0.94 22.56 24.39
C ALA B 243 1.35 22.99 22.99
N THR B 244 1.70 22.03 22.13
CA THR B 244 2.02 22.35 20.74
C THR B 244 0.80 22.87 20.00
N LEU B 245 -0.39 22.39 20.34
CA LEU B 245 -1.61 22.92 19.72
C LEU B 245 -1.81 24.37 20.11
N ARG B 246 -1.56 24.71 21.38
CA ARG B 246 -1.76 26.09 21.82
C ARG B 246 -0.77 27.03 21.15
N GLU B 247 0.48 26.59 20.96
CA GLU B 247 1.43 27.38 20.20
C GLU B 247 0.96 27.63 18.77
N LEU B 248 0.04 26.80 18.27
CA LEU B 248 -0.40 26.88 16.90
C LEU B 248 -1.65 27.74 16.70
N ILE B 249 -2.44 27.95 17.75
CA ILE B 249 -3.75 28.57 17.59
C ILE B 249 -3.97 29.78 18.49
N VAL B 250 -3.25 29.95 19.59
CA VAL B 250 -3.61 30.98 20.55
C VAL B 250 -3.36 32.35 19.95
N GLY B 251 -4.34 33.24 20.12
CA GLY B 251 -4.21 34.60 19.64
C GLY B 251 -4.10 34.70 18.14
N LYS B 252 -4.83 33.86 17.41
CA LYS B 252 -4.76 33.86 15.95
C LYS B 252 -6.13 34.17 15.40
N GLU B 253 -6.88 33.18 14.92
CA GLU B 253 -8.15 33.41 14.24
C GLU B 253 -9.20 32.43 14.75
N ARG B 254 -10.00 32.87 15.71
CA ARG B 254 -10.95 32.04 16.44
C ARG B 254 -10.26 30.89 17.16
N GLU B 255 -8.93 30.89 17.22
CA GLU B 255 -8.17 29.97 18.06
C GLU B 255 -8.66 28.54 17.91
N GLY B 256 -9.27 28.00 18.96
CA GLY B 256 -9.63 26.60 18.97
C GLY B 256 -10.98 26.25 18.41
N SER B 257 -11.76 27.22 17.97
CA SER B 257 -13.12 26.94 17.50
C SER B 257 -13.07 25.97 16.32
N SER B 258 -13.97 24.99 16.34
CA SER B 258 -14.09 24.07 15.22
C SER B 258 -14.65 24.79 14.01
N THR B 259 -13.96 24.65 12.88
CA THR B 259 -14.39 25.32 11.66
C THR B 259 -15.10 24.39 10.68
N GLU B 260 -14.91 23.08 10.82
CA GLU B 260 -15.55 22.14 9.92
C GLU B 260 -15.96 20.87 10.67
N PHE B 261 -17.17 20.41 10.36
CA PHE B 261 -17.65 19.08 10.72
C PHE B 261 -18.10 18.42 9.43
N ALA B 262 -17.54 17.24 9.13
CA ALA B 262 -17.75 16.64 7.83
C ALA B 262 -17.70 15.12 7.94
N MET B 263 -18.21 14.48 6.89
CA MET B 263 -18.31 13.02 6.82
C MET B 263 -17.77 12.56 5.48
N GLY B 264 -16.72 11.73 5.52
CA GLY B 264 -16.19 11.16 4.30
C GLY B 264 -17.06 10.06 3.73
N CYS B 265 -16.94 9.85 2.42
CA CYS B 265 -17.82 8.92 1.73
C CYS B 265 -17.06 7.95 0.82
N VAL B 266 -15.76 7.81 1.00
CA VAL B 266 -14.92 7.07 0.08
C VAL B 266 -14.43 5.79 0.71
N GLU B 267 -14.66 4.67 0.03
CA GLU B 267 -14.07 3.38 0.39
C GLU B 267 -12.83 3.20 -0.49
N TYR B 268 -11.69 3.61 0.02
CA TYR B 268 -10.45 3.54 -0.75
C TYR B 268 -9.97 2.10 -0.86
N PRO B 269 -9.89 1.53 -2.06
CA PRO B 269 -9.42 0.14 -2.15
C PRO B 269 -7.94 -0.01 -1.80
N LEU B 270 -7.11 0.95 -2.18
CA LEU B 270 -5.69 0.84 -1.93
C LEU B 270 -5.34 1.32 -0.52
N ALA B 271 -4.22 0.82 -0.01
CA ALA B 271 -3.82 1.12 1.36
C ALA B 271 -3.62 2.62 1.55
N GLN B 272 -4.27 3.17 2.57
CA GLN B 272 -4.12 4.58 2.90
C GLN B 272 -2.77 4.82 3.56
N ASP B 273 -2.17 5.97 3.25
CA ASP B 273 -0.88 6.37 3.82
C ASP B 273 -1.07 7.69 4.55
N TRP B 274 -0.99 7.65 5.87
CA TRP B 274 -1.26 8.83 6.70
C TRP B 274 -0.03 9.67 6.97
N THR B 275 1.10 9.34 6.36
CA THR B 275 2.27 10.21 6.35
C THR B 275 2.17 11.29 5.28
N ILE B 276 1.22 11.17 4.35
CA ILE B 276 1.12 12.08 3.22
C ILE B 276 0.02 13.09 3.51
N ASN B 277 0.38 14.37 3.51
CA ASN B 277 -0.59 15.46 3.59
C ASN B 277 -1.22 15.63 2.22
N SER B 278 -2.26 14.84 1.95
CA SER B 278 -2.99 14.92 0.68
C SER B 278 -4.47 15.09 0.98
N VAL B 279 -5.13 15.91 0.17
CA VAL B 279 -6.56 16.18 0.38
C VAL B 279 -7.37 14.91 0.28
N MET B 280 -6.91 13.94 -0.53
CA MET B 280 -7.66 12.70 -0.70
C MET B 280 -7.98 12.03 0.62
N ASN B 281 -7.11 12.20 1.63
CA ASN B 281 -7.35 11.57 2.92
C ASN B 281 -8.52 12.21 3.65
N GLU B 282 -8.74 13.52 3.45
CA GLU B 282 -9.91 14.17 4.04
C GLU B 282 -11.19 13.42 3.68
N GLY B 283 -11.30 12.98 2.43
CA GLY B 283 -12.36 12.10 2.03
C GLY B 283 -12.05 10.67 2.41
N SER B 284 -12.26 10.32 3.68
CA SER B 284 -12.08 8.95 4.16
C SER B 284 -13.37 8.55 4.86
N HIS B 285 -13.98 7.45 4.43
CA HIS B 285 -15.26 7.02 4.99
C HIS B 285 -15.22 7.09 6.51
N GLY B 286 -16.10 7.91 7.05
CA GLY B 286 -16.05 8.21 8.46
C GLY B 286 -16.37 9.66 8.73
N ILE B 287 -15.79 10.21 9.80
CA ILE B 287 -16.02 11.59 10.19
C ILE B 287 -14.68 12.25 10.45
N HIS B 288 -14.56 13.53 10.07
CA HIS B 288 -13.41 14.33 10.44
C HIS B 288 -13.89 15.71 10.91
N VAL B 289 -13.08 16.32 11.77
CA VAL B 289 -13.37 17.63 12.34
C VAL B 289 -12.27 18.59 11.91
N GLY B 290 -12.61 19.87 11.85
CA GLY B 290 -11.69 20.89 11.40
C GLY B 290 -11.49 21.98 12.43
N VAL B 291 -10.22 22.35 12.65
CA VAL B 291 -9.87 23.53 13.43
C VAL B 291 -8.96 24.38 12.57
N GLY B 292 -9.14 25.70 12.64
CA GLY B 292 -8.35 26.62 11.85
C GLY B 292 -8.95 26.86 10.47
N MET B 293 -8.48 27.94 9.84
CA MET B 293 -8.96 28.36 8.54
C MET B 293 -7.85 28.40 7.49
N GLY B 294 -6.66 27.90 7.79
CA GLY B 294 -5.56 27.93 6.85
C GLY B 294 -5.13 29.33 6.47
N LYS B 295 -5.16 30.26 7.44
CA LYS B 295 -4.86 31.66 7.21
C LYS B 295 -3.72 32.13 8.09
N GLU B 296 -3.91 32.15 9.41
CA GLU B 296 -2.82 32.23 10.38
C GLU B 296 -2.61 30.93 11.10
N ILE B 297 -3.65 30.10 11.21
CA ILE B 297 -3.57 28.73 11.69
C ILE B 297 -3.78 27.83 10.47
N PRO B 298 -3.05 26.72 10.33
CA PRO B 298 -3.37 25.79 9.24
C PRO B 298 -4.62 24.99 9.57
N HIS B 299 -5.49 24.85 8.57
CA HIS B 299 -6.77 24.16 8.77
C HIS B 299 -6.51 22.66 8.91
N MET B 300 -6.48 22.18 10.15
CA MET B 300 -6.22 20.78 10.42
C MET B 300 -7.52 19.97 10.33
N ASP B 301 -7.43 18.77 9.77
CA ASP B 301 -8.55 17.85 9.70
C ASP B 301 -8.19 16.57 10.45
N PHE B 302 -8.85 16.34 11.58
CA PHE B 302 -8.69 15.11 12.36
C PHE B 302 -9.70 14.10 11.85
N ILE B 303 -9.21 13.04 11.23
CA ILE B 303 -10.03 12.15 10.41
C ILE B 303 -10.17 10.81 11.12
N ALA B 304 -11.41 10.42 11.43
CA ALA B 304 -11.71 9.15 12.07
C ALA B 304 -12.39 8.25 11.05
N LYS B 305 -11.76 7.12 10.74
CA LYS B 305 -12.21 6.28 9.64
C LYS B 305 -13.38 5.38 10.06
N GLY B 306 -13.19 4.59 11.10
CA GLY B 306 -14.22 3.68 11.54
C GLY B 306 -15.38 4.30 12.28
N ALA B 307 -15.45 5.62 12.34
CA ALA B 307 -16.44 6.29 13.15
C ALA B 307 -17.85 5.91 12.74
N GLU B 308 -18.65 5.50 13.71
CA GLU B 308 -20.04 5.15 13.50
C GLU B 308 -20.94 6.29 13.96
N LEU B 309 -22.00 6.54 13.21
CA LEU B 309 -22.90 7.65 13.49
C LEU B 309 -24.17 7.16 14.14
N ARG B 310 -24.50 7.75 15.30
CA ARG B 310 -25.82 7.65 15.88
C ARG B 310 -26.58 8.92 15.55
N ILE B 311 -27.87 8.79 15.24
CA ILE B 311 -28.69 9.96 14.92
C ILE B 311 -29.77 10.11 15.99
ZN ZN C . 7.79 -18.08 1.66
ZN ZN D . 10.70 -15.88 3.51
ZN ZN E . -13.67 18.02 5.03
ZN ZN F . -11.17 20.58 6.70
#